data_1KEL
#
_entry.id   1KEL
#
_cell.length_a   52.700
_cell.length_b   58.200
_cell.length_c   43.200
_cell.angle_alpha   94.30
_cell.angle_beta   113.80
_cell.angle_gamma   78.90
#
_symmetry.space_group_name_H-M   'P 1'
#
loop_
_entity.id
_entity.type
_entity.pdbx_description
1 polymer '28B4 FAB'
2 polymer '28B4 FAB'
3 non-polymer "1-[N-4'-NITROBENZYL-N-4'-CARBOXYBUTYLAMINO]METHYLPHOSPHONIC ACID"
#
loop_
_entity_poly.entity_id
_entity_poly.type
_entity_poly.pdbx_seq_one_letter_code
_entity_poly.pdbx_strand_id
1 'polypeptide(L)'
;DVLMTQTPLSLPVSLGDQASISCRFSQSIVHSNGNTYLEWYLQKSGQSPKLLIYKVSNRFSGVPDRFSGSGSGTDFTLKI
SRVEAEDLGVYYCFQGSHVPRTFGGGTKLEIKRADAAPTVSIFPPSSEQLTSGGASVVCFLNNFYPKDINVKWKIDGSER
QNGVLNSWTDQDSKDSTYSMSSTLTLTKDEYERHNSYTCEATHKTSTSPIVKSFNRN
;
L
2 'polypeptide(L)'
;EVKLVESGGGLGQPGGSLRLSCATSGFTFTDYYFNWARQPPGKALEWLGFIRNKAKGYTTEYSASVKGRFTISRDNSQGI
LYLQMNTLRAEDSATYYCARWGSYAMDYWGQGTSVTVSSAKTTPPSVYPLAPGSAAQTNSMVTLGCLVKGYFPEPVTVTW
NSGSLSSGVHTFPAVLQSDLYTLSSSVTVPSSPRPSETVTCNVAHPASSTKVDKKIVP
;
H
#
loop_
_chem_comp.id
_chem_comp.type
_chem_comp.name
_chem_comp.formula
AAH non-polymer '1-[N-4'-NITROBENZYL-N-4'-CARBOXYBUTYLAMINO]METHYLPHOSPHONIC ACID' 'C13 H19 N2 O7 P'
#
# COMPACT_ATOMS: atom_id res chain seq x y z
N ASP A 1 5.53 21.01 21.06
CA ASP A 1 5.17 20.63 19.67
C ASP A 1 3.68 20.43 19.63
N VAL A 2 3.11 20.52 18.42
CA VAL A 2 1.67 20.34 18.24
C VAL A 2 1.42 18.93 17.71
N LEU A 3 0.40 18.26 18.23
CA LEU A 3 0.05 16.93 17.75
C LEU A 3 -1.15 17.09 16.84
N MET A 4 -1.07 16.49 15.66
CA MET A 4 -2.13 16.53 14.66
C MET A 4 -2.81 15.20 14.70
N THR A 5 -4.13 15.20 14.60
CA THR A 5 -4.88 13.95 14.60
C THR A 5 -5.91 13.99 13.47
N GLN A 6 -5.69 13.17 12.45
CA GLN A 6 -6.63 13.13 11.33
C GLN A 6 -7.50 11.89 11.49
N THR A 7 -8.82 12.07 11.41
CA THR A 7 -9.73 10.94 11.51
C THR A 7 -10.86 11.07 10.52
N PRO A 8 -11.39 9.93 10.06
CA PRO A 8 -10.95 8.58 10.45
C PRO A 8 -9.95 8.00 9.45
N LEU A 9 -9.31 6.91 9.83
CA LEU A 9 -8.36 6.20 8.99
C LEU A 9 -9.10 5.77 7.72
N SER A 10 -10.28 5.18 7.94
CA SER A 10 -11.12 4.67 6.85
C SER A 10 -12.49 5.31 6.94
N LEU A 11 -13.06 5.69 5.78
CA LEU A 11 -14.38 6.31 5.74
C LEU A 11 -15.27 5.69 4.68
N PRO A 12 -16.13 4.76 5.08
CA PRO A 12 -17.07 4.08 4.19
C PRO A 12 -18.20 5.06 3.89
N VAL A 13 -18.58 5.18 2.62
CA VAL A 13 -19.64 6.11 2.27
C VAL A 13 -20.42 5.50 1.12
N SER A 14 -21.58 6.06 0.82
CA SER A 14 -22.37 5.62 -0.30
C SER A 14 -22.31 6.78 -1.30
N LEU A 15 -22.31 6.45 -2.59
CA LEU A 15 -22.28 7.49 -3.61
C LEU A 15 -23.47 8.41 -3.38
N GLY A 16 -23.22 9.71 -3.43
CA GLY A 16 -24.29 10.67 -3.23
C GLY A 16 -24.32 11.24 -1.83
N ASP A 17 -23.76 10.53 -0.87
CA ASP A 17 -23.73 11.02 0.51
C ASP A 17 -22.61 12.02 0.67
N GLN A 18 -22.61 12.73 1.78
CA GLN A 18 -21.53 13.67 2.02
C GLN A 18 -20.57 12.93 2.92
N ALA A 19 -19.29 13.29 2.86
CA ALA A 19 -18.29 12.70 3.68
C ALA A 19 -17.65 13.86 4.43
N SER A 20 -17.25 13.63 5.67
CA SER A 20 -16.59 14.66 6.48
C SER A 20 -15.34 14.04 7.08
N ILE A 21 -14.22 14.74 6.92
CA ILE A 21 -12.94 14.25 7.41
C ILE A 21 -12.43 15.29 8.39
N SER A 22 -11.88 14.82 9.49
CA SER A 22 -11.39 15.68 10.56
C SER A 22 -9.86 15.80 10.77
N CYS A 23 -9.40 17.04 10.93
CA CYS A 23 -8.00 17.29 11.24
C CYS A 23 -8.00 18.20 12.48
N ARG A 24 -7.46 17.70 13.59
CA ARG A 24 -7.43 18.45 14.82
C ARG A 24 -6.01 18.50 15.35
N PHE A 25 -5.73 19.55 16.12
CA PHE A 25 -4.42 19.83 16.71
C PHE A 25 -4.44 20.08 18.21
N SER A 26 -3.35 19.66 18.87
CA SER A 26 -3.21 19.79 20.32
C SER A 26 -3.17 21.23 20.78
N GLN A 27 -2.98 22.16 19.84
CA GLN A 27 -2.94 23.58 20.15
C GLN A 27 -3.13 24.34 18.86
N SER A 28 -3.34 25.65 18.98
CA SER A 28 -3.56 26.54 17.83
C SER A 28 -2.41 26.61 16.83
N ILE A 29 -2.76 26.60 15.55
CA ILE A 29 -1.73 26.70 14.51
C ILE A 29 -1.89 27.97 13.70
N VAL A 30 -2.64 28.93 14.23
CA VAL A 30 -2.80 30.22 13.56
C VAL A 30 -1.44 30.93 13.63
N HIS A 31 -0.98 31.44 12.50
CA HIS A 31 0.31 32.14 12.47
C HIS A 31 0.11 33.61 12.89
N SER A 32 1.17 34.25 13.33
CA SER A 32 1.09 35.64 13.74
C SER A 32 0.66 36.55 12.58
N ASN A 33 0.95 36.18 11.35
CA ASN A 33 0.54 37.02 10.23
C ASN A 33 -0.93 36.89 9.96
N GLY A 34 -1.60 36.06 10.77
CA GLY A 34 -3.05 35.92 10.63
C GLY A 34 -3.55 34.73 9.83
N ASN A 35 -2.67 34.12 9.05
CA ASN A 35 -3.06 32.97 8.24
C ASN A 35 -2.93 31.66 9.01
N THR A 36 -3.58 30.63 8.50
CA THR A 36 -3.51 29.30 9.08
C THR A 36 -3.23 28.36 7.89
N TYR A 37 -1.99 27.87 7.86
CA TYR A 37 -1.49 27.00 6.79
C TYR A 37 -1.87 25.54 6.94
N LEU A 38 -3.18 25.29 6.87
CA LEU A 38 -3.72 23.93 6.98
C LEU A 38 -4.20 23.63 5.57
N GLU A 39 -3.66 22.56 4.98
CA GLU A 39 -3.98 22.19 3.61
C GLU A 39 -4.57 20.79 3.52
N TRP A 40 -5.29 20.53 2.43
CA TRP A 40 -5.90 19.20 2.18
C TRP A 40 -5.48 18.71 0.79
N TYR A 41 -5.08 17.45 0.71
CA TYR A 41 -4.63 16.80 -0.51
C TYR A 41 -5.33 15.47 -0.70
N LEU A 42 -5.48 15.06 -1.97
CA LEU A 42 -6.07 13.76 -2.33
C LEU A 42 -5.00 12.97 -3.09
N GLN A 43 -4.82 11.70 -2.73
CA GLN A 43 -3.89 10.83 -3.47
C GLN A 43 -4.70 9.60 -3.91
N LYS A 44 -4.97 9.54 -5.20
CA LYS A 44 -5.72 8.43 -5.76
C LYS A 44 -4.75 7.28 -5.99
N SER A 45 -5.26 6.07 -6.02
CA SER A 45 -4.40 4.91 -6.20
C SER A 45 -3.47 5.04 -7.43
N GLY A 46 -2.17 4.84 -7.21
CA GLY A 46 -1.19 4.95 -8.28
C GLY A 46 -1.03 6.35 -8.85
N GLN A 47 -1.29 7.38 -8.05
CA GLN A 47 -1.15 8.75 -8.54
C GLN A 47 -0.43 9.67 -7.56
N SER A 48 0.05 10.81 -8.06
CA SER A 48 0.71 11.79 -7.22
C SER A 48 -0.37 12.48 -6.37
N PRO A 49 0.02 13.07 -5.24
CA PRO A 49 -0.97 13.76 -4.42
C PRO A 49 -1.34 15.05 -5.18
N LYS A 50 -2.55 15.56 -4.96
CA LYS A 50 -2.98 16.80 -5.62
C LYS A 50 -3.68 17.68 -4.59
N LEU A 51 -3.45 18.99 -4.68
CA LEU A 51 -4.05 19.96 -3.78
C LEU A 51 -5.57 20.06 -3.96
N LEU A 52 -6.26 20.25 -2.84
CA LEU A 52 -7.70 20.42 -2.88
C LEU A 52 -8.04 21.77 -2.23
N ILE A 53 -7.54 21.98 -1.01
CA ILE A 53 -7.84 23.20 -0.26
C ILE A 53 -6.56 23.73 0.37
N TYR A 54 -6.29 25.04 0.23
CA TYR A 54 -5.12 25.67 0.86
C TYR A 54 -5.59 26.72 1.88
N LYS A 55 -4.73 27.02 2.86
CA LYS A 55 -5.07 27.98 3.90
C LYS A 55 -6.51 27.82 4.38
N VAL A 56 -6.79 26.60 4.90
CA VAL A 56 -8.06 26.21 5.51
C VAL A 56 -9.32 26.14 4.68
N SER A 57 -9.64 27.21 3.98
CA SER A 57 -10.89 27.21 3.23
C SER A 57 -10.80 27.72 1.80
N ASN A 58 -9.60 27.73 1.25
CA ASN A 58 -9.43 28.19 -0.13
C ASN A 58 -9.40 26.98 -1.08
N ARG A 59 -10.47 26.76 -1.80
CA ARG A 59 -10.50 25.64 -2.73
C ARG A 59 -9.60 25.97 -3.95
N PHE A 60 -8.64 25.09 -4.24
CA PHE A 60 -7.75 25.27 -5.39
C PHE A 60 -8.51 25.25 -6.70
N SER A 61 -8.09 26.08 -7.65
CA SER A 61 -8.74 26.15 -8.95
C SER A 61 -8.80 24.80 -9.66
N GLY A 62 -10.00 24.38 -10.04
CA GLY A 62 -10.17 23.11 -10.74
C GLY A 62 -10.80 22.03 -9.89
N VAL A 63 -10.80 22.23 -8.57
CA VAL A 63 -11.39 21.29 -7.61
C VAL A 63 -12.90 21.54 -7.63
N PRO A 64 -13.71 20.49 -7.79
CA PRO A 64 -15.17 20.71 -7.82
C PRO A 64 -15.66 21.43 -6.56
N ASP A 65 -16.73 22.23 -6.68
CA ASP A 65 -17.20 22.94 -5.51
C ASP A 65 -17.76 22.03 -4.43
N ARG A 66 -17.93 20.74 -4.75
CA ARG A 66 -18.42 19.75 -3.77
C ARG A 66 -17.50 19.70 -2.56
N PHE A 67 -16.22 19.98 -2.78
CA PHE A 67 -15.22 19.97 -1.72
C PHE A 67 -15.13 21.29 -1.04
N SER A 68 -15.00 21.27 0.29
CA SER A 68 -14.85 22.49 1.07
C SER A 68 -14.14 22.25 2.41
N GLY A 69 -13.24 23.18 2.75
CA GLY A 69 -12.51 23.07 3.98
C GLY A 69 -13.00 24.15 4.95
N SER A 70 -13.01 23.80 6.23
CA SER A 70 -13.46 24.72 7.26
C SER A 70 -12.65 24.43 8.50
N GLY A 71 -13.00 25.08 9.60
CA GLY A 71 -12.27 24.79 10.80
C GLY A 71 -11.73 26.04 11.44
N SER A 72 -11.22 25.90 12.65
CA SER A 72 -10.69 27.04 13.32
C SER A 72 -9.82 26.72 14.50
N GLY A 73 -8.64 27.34 14.42
CA GLY A 73 -7.62 27.24 15.44
C GLY A 73 -6.99 25.88 15.62
N THR A 74 -7.78 24.97 16.16
CA THR A 74 -7.33 23.62 16.45
C THR A 74 -8.15 22.52 15.75
N ASP A 75 -9.32 22.85 15.26
CA ASP A 75 -10.18 21.84 14.65
C ASP A 75 -10.55 22.20 13.20
N PHE A 76 -10.27 21.27 12.30
CA PHE A 76 -10.46 21.47 10.88
C PHE A 76 -11.27 20.38 10.21
N THR A 77 -11.99 20.73 9.16
CA THR A 77 -12.85 19.77 8.53
C THR A 77 -12.85 19.87 7.00
N LEU A 78 -12.77 18.72 6.35
CA LEU A 78 -12.89 18.66 4.90
C LEU A 78 -14.26 17.99 4.69
N LYS A 79 -15.14 18.68 3.97
CA LYS A 79 -16.47 18.16 3.64
C LYS A 79 -16.55 17.98 2.14
N ILE A 80 -17.16 16.86 1.74
CA ILE A 80 -17.38 16.48 0.34
C ILE A 80 -18.86 16.15 0.23
N SER A 81 -19.62 17.02 -0.43
CA SER A 81 -21.04 16.78 -0.59
C SER A 81 -21.23 15.94 -1.87
N ARG A 82 -22.30 15.15 -1.93
CA ARG A 82 -22.61 14.30 -3.10
C ARG A 82 -21.39 13.50 -3.63
N VAL A 83 -20.80 12.65 -2.78
CA VAL A 83 -19.64 11.84 -3.18
C VAL A 83 -19.84 11.02 -4.44
N GLU A 84 -18.85 11.06 -5.35
CA GLU A 84 -18.90 10.25 -6.57
C GLU A 84 -17.65 9.41 -6.70
N ALA A 85 -17.69 8.44 -7.63
CA ALA A 85 -16.57 7.53 -7.86
C ALA A 85 -15.19 8.18 -7.94
N GLU A 86 -15.11 9.32 -8.62
CA GLU A 86 -13.83 10.03 -8.78
C GLU A 86 -13.21 10.44 -7.45
N ASP A 87 -14.04 10.60 -6.44
CA ASP A 87 -13.54 11.03 -5.15
C ASP A 87 -12.87 9.91 -4.33
N LEU A 88 -12.98 8.65 -4.75
CA LEU A 88 -12.37 7.59 -3.96
C LEU A 88 -10.86 7.64 -4.01
N GLY A 89 -10.25 7.54 -2.84
CA GLY A 89 -8.80 7.61 -2.71
C GLY A 89 -8.44 7.99 -1.28
N VAL A 90 -7.21 8.44 -1.05
CA VAL A 90 -6.79 8.79 0.31
C VAL A 90 -6.63 10.29 0.49
N TYR A 91 -7.33 10.82 1.48
CA TYR A 91 -7.25 12.24 1.78
C TYR A 91 -6.28 12.46 2.94
N TYR A 92 -5.46 13.51 2.85
CA TYR A 92 -4.53 13.84 3.91
C TYR A 92 -4.61 15.31 4.22
N CYS A 93 -4.60 15.67 5.50
CA CYS A 93 -4.53 17.09 5.89
C CYS A 93 -3.02 17.30 6.08
N PHE A 94 -2.57 18.52 5.93
CA PHE A 94 -1.16 18.79 6.06
C PHE A 94 -0.91 20.20 6.58
N GLN A 95 0.16 20.34 7.35
CA GLN A 95 0.59 21.65 7.81
C GLN A 95 2.09 21.54 7.94
N GLY A 96 2.82 22.53 7.43
CA GLY A 96 4.26 22.50 7.54
C GLY A 96 4.76 23.74 8.24
N SER A 97 3.91 24.32 9.08
CA SER A 97 4.24 25.55 9.82
C SER A 97 4.65 25.30 11.28
N HIS A 98 4.25 24.15 11.82
CA HIS A 98 4.56 23.78 13.19
C HIS A 98 5.19 22.38 13.27
N VAL A 99 6.09 22.19 14.21
CA VAL A 99 6.78 20.93 14.45
C VAL A 99 5.89 19.99 15.26
N PRO A 100 5.73 18.75 14.81
CA PRO A 100 6.28 18.11 13.60
C PRO A 100 5.51 18.51 12.37
N ARG A 101 6.20 19.01 11.35
CA ARG A 101 5.57 19.38 10.09
C ARG A 101 5.21 18.03 9.50
N THR A 102 4.01 17.87 8.98
CA THR A 102 3.60 16.54 8.59
C THR A 102 2.26 16.43 7.91
N PHE A 103 2.05 15.29 7.25
CA PHE A 103 0.77 14.94 6.66
C PHE A 103 0.05 14.16 7.77
N GLY A 104 -1.27 14.08 7.68
CA GLY A 104 -1.99 13.31 8.67
C GLY A 104 -1.88 11.84 8.33
N GLY A 105 -2.49 10.99 9.16
CA GLY A 105 -2.44 9.55 8.92
C GLY A 105 -3.16 9.09 7.66
N GLY A 106 -3.96 9.99 7.09
CA GLY A 106 -4.73 9.70 5.90
C GLY A 106 -6.10 9.15 6.22
N THR A 107 -7.05 9.38 5.31
CA THR A 107 -8.44 8.91 5.39
C THR A 107 -8.78 8.32 4.02
N LYS A 108 -8.86 6.99 3.94
CA LYS A 108 -9.23 6.30 2.70
C LYS A 108 -10.75 6.25 2.50
N LEU A 109 -11.21 6.99 1.51
CA LEU A 109 -12.63 7.01 1.19
C LEU A 109 -12.97 5.67 0.51
N GLU A 110 -13.87 4.89 1.09
CA GLU A 110 -14.24 3.60 0.52
C GLU A 110 -15.75 3.48 0.38
N ILE A 111 -16.21 2.45 -0.34
CA ILE A 111 -17.64 2.21 -0.59
C ILE A 111 -18.32 1.30 0.42
N LYS A 112 -19.45 1.78 0.89
CA LYS A 112 -20.30 1.10 1.86
C LYS A 112 -21.13 -0.04 1.19
N ARG A 113 -21.15 -1.20 1.82
CA ARG A 113 -21.94 -2.34 1.33
C ARG A 113 -22.32 -3.21 2.53
N ALA A 114 -23.15 -4.23 2.29
CA ALA A 114 -23.62 -5.14 3.32
C ALA A 114 -22.51 -6.02 3.88
N ASP A 115 -22.59 -6.31 5.18
CA ASP A 115 -21.60 -7.17 5.81
C ASP A 115 -21.58 -8.54 5.12
N ALA A 116 -20.38 -9.07 4.92
CA ALA A 116 -20.17 -10.35 4.25
C ALA A 116 -19.02 -11.07 4.95
N ALA A 117 -19.31 -12.31 5.36
CA ALA A 117 -18.34 -13.15 6.02
C ALA A 117 -17.30 -13.62 4.98
N PRO A 118 -16.07 -13.92 5.42
CA PRO A 118 -15.04 -14.37 4.47
C PRO A 118 -15.17 -15.82 4.11
N THR A 119 -14.64 -16.14 2.94
CA THR A 119 -14.60 -17.51 2.47
C THR A 119 -13.16 -17.84 2.80
N VAL A 120 -12.95 -18.73 3.76
CA VAL A 120 -11.62 -19.10 4.19
C VAL A 120 -11.26 -20.45 3.58
N SER A 121 -10.05 -20.56 3.06
CA SER A 121 -9.55 -21.80 2.44
C SER A 121 -8.10 -21.95 2.85
N ILE A 122 -7.74 -23.13 3.35
CA ILE A 122 -6.37 -23.41 3.76
C ILE A 122 -5.72 -24.40 2.76
N PHE A 123 -4.42 -24.31 2.57
CA PHE A 123 -3.70 -25.16 1.62
C PHE A 123 -2.38 -25.69 2.19
N PRO A 124 -2.16 -27.01 2.11
CA PRO A 124 -0.92 -27.62 2.61
C PRO A 124 0.27 -27.33 1.66
N PRO A 125 1.51 -27.62 2.10
CA PRO A 125 2.73 -27.41 1.29
C PRO A 125 2.65 -28.37 0.09
N SER A 126 3.12 -27.91 -1.08
CA SER A 126 3.13 -28.74 -2.30
C SER A 126 4.35 -29.66 -2.24
N SER A 127 4.33 -30.75 -2.98
CA SER A 127 5.46 -31.64 -2.93
C SER A 127 6.68 -30.93 -3.51
N GLU A 128 6.45 -30.05 -4.48
CA GLU A 128 7.56 -29.31 -5.08
C GLU A 128 8.27 -28.47 -4.02
N GLN A 129 7.52 -27.76 -3.19
CA GLN A 129 8.19 -26.94 -2.20
C GLN A 129 8.88 -27.81 -1.18
N LEU A 130 8.19 -28.87 -0.74
CA LEU A 130 8.76 -29.78 0.26
C LEU A 130 10.09 -30.35 -0.17
N THR A 131 10.16 -30.80 -1.42
CA THR A 131 11.37 -31.34 -1.98
C THR A 131 12.48 -30.29 -1.90
N SER A 132 12.12 -29.02 -1.99
CA SER A 132 13.15 -27.97 -1.89
C SER A 132 13.49 -27.62 -0.43
N GLY A 133 12.91 -28.35 0.52
CA GLY A 133 13.20 -28.10 1.93
C GLY A 133 12.35 -27.06 2.66
N GLY A 134 11.27 -26.58 2.06
CA GLY A 134 10.46 -25.59 2.76
C GLY A 134 9.03 -26.02 2.83
N ALA A 135 8.25 -25.41 3.71
CA ALA A 135 6.87 -25.81 3.82
C ALA A 135 6.02 -24.60 4.13
N SER A 136 5.27 -24.11 3.15
CA SER A 136 4.41 -22.96 3.39
C SER A 136 2.95 -23.41 3.40
N VAL A 137 2.20 -22.94 4.38
CA VAL A 137 0.79 -23.25 4.48
C VAL A 137 0.07 -21.94 4.20
N VAL A 138 -0.85 -21.98 3.25
CA VAL A 138 -1.58 -20.77 2.83
C VAL A 138 -3.06 -20.81 3.18
N CYS A 139 -3.53 -19.64 3.55
CA CYS A 139 -4.90 -19.46 3.91
C CYS A 139 -5.46 -18.20 3.26
N PHE A 140 -6.50 -18.35 2.45
CA PHE A 140 -7.15 -17.19 1.83
C PHE A 140 -8.42 -16.96 2.63
N LEU A 141 -8.76 -15.69 2.83
CA LEU A 141 -9.95 -15.27 3.56
C LEU A 141 -10.43 -14.21 2.59
N ASN A 142 -11.26 -14.70 1.69
CA ASN A 142 -11.79 -13.93 0.59
C ASN A 142 -13.15 -13.30 0.65
N ASN A 143 -13.25 -12.14 0.00
CA ASN A 143 -14.49 -11.39 -0.15
C ASN A 143 -15.32 -11.11 1.09
N PHE A 144 -14.73 -10.45 2.07
CA PHE A 144 -15.45 -10.15 3.30
C PHE A 144 -15.69 -8.63 3.39
N TYR A 145 -16.62 -8.25 4.24
CA TYR A 145 -16.94 -6.85 4.48
C TYR A 145 -17.58 -6.75 5.85
N PRO A 146 -17.15 -5.79 6.68
CA PRO A 146 -16.10 -4.78 6.46
C PRO A 146 -14.68 -5.33 6.48
N LYS A 147 -13.73 -4.43 6.24
CA LYS A 147 -12.32 -4.78 6.13
C LYS A 147 -11.59 -5.33 7.32
N ASP A 148 -12.05 -5.03 8.52
CA ASP A 148 -11.36 -5.52 9.70
C ASP A 148 -11.54 -7.04 9.89
N ILE A 149 -10.43 -7.74 10.13
CA ILE A 149 -10.43 -9.18 10.29
C ILE A 149 -9.19 -9.60 11.09
N ASN A 150 -9.29 -10.72 11.83
CA ASN A 150 -8.16 -11.24 12.61
C ASN A 150 -7.93 -12.70 12.24
N VAL A 151 -6.68 -13.06 11.98
CA VAL A 151 -6.32 -14.44 11.65
C VAL A 151 -5.33 -15.00 12.66
N LYS A 152 -5.57 -16.23 13.09
CA LYS A 152 -4.71 -16.94 14.05
C LYS A 152 -4.26 -18.27 13.40
N TRP A 153 -2.98 -18.59 13.58
CA TRP A 153 -2.43 -19.85 13.10
C TRP A 153 -2.15 -20.71 14.33
N LYS A 154 -2.49 -22.00 14.25
CA LYS A 154 -2.22 -22.94 15.33
C LYS A 154 -1.62 -24.22 14.74
N ILE A 155 -0.58 -24.76 15.36
CA ILE A 155 0.01 -26.00 14.89
C ILE A 155 -0.15 -26.93 16.09
N ASP A 156 -0.80 -28.06 15.86
CA ASP A 156 -1.10 -29.05 16.91
C ASP A 156 -1.89 -28.40 18.03
N GLY A 157 -2.71 -27.40 17.67
CA GLY A 157 -3.53 -26.71 18.66
C GLY A 157 -2.93 -25.51 19.37
N SER A 158 -1.61 -25.35 19.34
CA SER A 158 -0.97 -24.20 19.98
C SER A 158 -0.86 -23.07 18.97
N GLU A 159 -1.03 -21.83 19.42
CA GLU A 159 -0.95 -20.67 18.54
C GLU A 159 0.46 -20.46 18.03
N ARG A 160 0.56 -20.06 16.77
CA ARG A 160 1.84 -19.83 16.10
C ARG A 160 1.97 -18.40 15.57
N GLN A 161 3.05 -17.74 15.97
CA GLN A 161 3.33 -16.36 15.58
C GLN A 161 4.50 -16.25 14.56
N ASN A 162 5.60 -16.94 14.84
CA ASN A 162 6.78 -16.89 13.97
C ASN A 162 6.57 -17.48 12.57
N GLY A 163 7.01 -16.75 11.54
CA GLY A 163 6.88 -17.25 10.17
C GLY A 163 5.62 -16.89 9.42
N VAL A 164 4.76 -16.08 10.03
CA VAL A 164 3.52 -15.72 9.35
C VAL A 164 3.63 -14.39 8.60
N LEU A 165 3.25 -14.40 7.32
CA LEU A 165 3.25 -13.20 6.49
C LEU A 165 1.85 -13.03 5.94
N ASN A 166 1.35 -11.79 5.97
CA ASN A 166 0.00 -11.49 5.49
C ASN A 166 0.01 -10.43 4.41
N SER A 167 -1.01 -10.51 3.56
CA SER A 167 -1.22 -9.53 2.48
C SER A 167 -2.73 -9.20 2.36
N TRP A 168 -3.06 -7.96 1.99
CA TRP A 168 -4.44 -7.55 1.89
C TRP A 168 -4.70 -6.85 0.59
N THR A 169 -5.86 -7.11 0.00
CA THR A 169 -6.24 -6.44 -1.24
C THR A 169 -6.97 -5.11 -0.94
N ASP A 170 -7.03 -4.25 -1.95
CA ASP A 170 -7.74 -2.97 -1.90
C ASP A 170 -9.18 -3.39 -2.09
N GLN A 171 -10.14 -2.53 -1.77
CA GLN A 171 -11.56 -2.89 -1.93
C GLN A 171 -11.89 -3.28 -3.36
N ASP A 172 -12.64 -4.37 -3.53
CA ASP A 172 -12.98 -4.83 -4.88
C ASP A 172 -13.82 -3.81 -5.64
N SER A 173 -13.34 -3.43 -6.83
CA SER A 173 -14.05 -2.44 -7.67
C SER A 173 -15.45 -2.88 -8.03
N LYS A 174 -15.61 -4.20 -8.16
CA LYS A 174 -16.87 -4.79 -8.54
C LYS A 174 -17.82 -5.10 -7.37
N ASP A 175 -17.40 -5.84 -6.37
CA ASP A 175 -18.33 -6.15 -5.29
C ASP A 175 -18.06 -5.45 -3.97
N SER A 176 -17.12 -4.52 -3.96
CA SER A 176 -16.81 -3.76 -2.76
C SER A 176 -16.33 -4.54 -1.54
N THR A 177 -15.92 -5.79 -1.74
CA THR A 177 -15.42 -6.59 -0.63
C THR A 177 -13.90 -6.45 -0.49
N TYR A 178 -13.35 -7.18 0.47
CA TYR A 178 -11.93 -7.18 0.75
C TYR A 178 -11.48 -8.62 0.81
N SER A 179 -10.20 -8.87 0.56
CA SER A 179 -9.68 -10.23 0.62
C SER A 179 -8.34 -10.20 1.34
N MET A 180 -8.01 -11.33 1.95
CA MET A 180 -6.75 -11.45 2.69
C MET A 180 -6.07 -12.81 2.45
N SER A 181 -4.75 -12.81 2.56
CA SER A 181 -3.97 -14.02 2.35
C SER A 181 -2.93 -14.07 3.46
N SER A 182 -2.83 -15.21 4.12
CA SER A 182 -1.86 -15.40 5.21
C SER A 182 -1.06 -16.67 4.94
N THR A 183 0.24 -16.59 5.11
CA THR A 183 1.07 -17.76 4.85
C THR A 183 1.99 -17.98 6.01
N LEU A 184 1.96 -19.20 6.50
CA LEU A 184 2.83 -19.64 7.57
C LEU A 184 3.94 -20.40 6.84
N THR A 185 5.16 -19.88 6.93
CA THR A 185 6.29 -20.54 6.29
C THR A 185 7.18 -21.27 7.30
N LEU A 186 7.30 -22.58 7.13
CA LEU A 186 8.12 -23.45 7.99
C LEU A 186 9.19 -24.18 7.16
N THR A 187 10.13 -24.82 7.84
CA THR A 187 11.14 -25.63 7.18
C THR A 187 10.42 -26.96 6.96
N LYS A 188 10.93 -27.83 6.10
CA LYS A 188 10.36 -29.15 5.90
C LYS A 188 10.49 -29.90 7.24
N ASP A 189 11.64 -29.73 7.88
CA ASP A 189 11.93 -30.38 9.15
C ASP A 189 10.89 -30.07 10.23
N GLU A 190 10.57 -28.80 10.38
CA GLU A 190 9.57 -28.41 11.37
C GLU A 190 8.18 -28.90 10.98
N TYR A 191 7.86 -28.83 9.69
CA TYR A 191 6.56 -29.28 9.21
C TYR A 191 6.33 -30.77 9.47
N GLU A 192 7.38 -31.56 9.28
CA GLU A 192 7.26 -32.98 9.47
C GLU A 192 7.33 -33.42 10.94
N ARG A 193 7.39 -32.43 11.84
CA ARG A 193 7.44 -32.61 13.30
C ARG A 193 6.03 -32.37 13.93
N HIS A 194 5.10 -31.89 13.12
CA HIS A 194 3.76 -31.59 13.60
C HIS A 194 2.71 -32.12 12.64
N ASN A 195 1.46 -32.23 13.09
CA ASN A 195 0.44 -32.77 12.21
C ASN A 195 -0.72 -31.84 11.91
N SER A 196 -1.23 -31.17 12.94
CA SER A 196 -2.37 -30.28 12.76
C SER A 196 -1.98 -28.84 12.44
N TYR A 197 -2.54 -28.33 11.35
CA TYR A 197 -2.31 -26.97 10.88
C TYR A 197 -3.67 -26.28 10.75
N THR A 198 -3.83 -25.18 11.49
CA THR A 198 -5.10 -24.43 11.48
C THR A 198 -4.98 -22.94 11.20
N CYS A 199 -5.90 -22.45 10.39
CA CYS A 199 -6.01 -21.05 10.06
C CYS A 199 -7.38 -20.69 10.64
N GLU A 200 -7.43 -19.73 11.54
CA GLU A 200 -8.69 -19.37 12.18
C GLU A 200 -8.96 -17.86 12.03
N ALA A 201 -10.17 -17.51 11.60
CA ALA A 201 -10.51 -16.12 11.35
C ALA A 201 -11.68 -15.59 12.15
N THR A 202 -11.53 -14.39 12.71
CA THR A 202 -12.63 -13.76 13.42
C THR A 202 -13.00 -12.49 12.70
N HIS A 203 -14.29 -12.35 12.42
CA HIS A 203 -14.79 -11.21 11.69
C HIS A 203 -16.09 -10.76 12.36
N LYS A 204 -16.42 -9.47 12.26
CA LYS A 204 -17.63 -8.96 12.89
C LYS A 204 -18.90 -9.68 12.47
N THR A 205 -18.85 -10.44 11.39
CA THR A 205 -20.04 -11.13 10.92
C THR A 205 -20.46 -12.31 11.77
N SER A 206 -19.60 -12.73 12.69
CA SER A 206 -19.94 -13.86 13.53
C SER A 206 -19.11 -13.88 14.81
N THR A 207 -19.75 -14.32 15.90
CA THR A 207 -19.11 -14.42 17.20
C THR A 207 -18.22 -15.64 17.19
N SER A 208 -18.57 -16.62 16.33
CA SER A 208 -17.81 -17.86 16.18
C SER A 208 -16.70 -17.64 15.16
N PRO A 209 -15.47 -18.08 15.48
CA PRO A 209 -14.37 -17.91 14.53
C PRO A 209 -14.51 -18.94 13.41
N ILE A 210 -13.98 -18.62 12.23
CA ILE A 210 -14.02 -19.58 11.13
C ILE A 210 -12.70 -20.35 11.24
N VAL A 211 -12.81 -21.66 11.39
CA VAL A 211 -11.65 -22.51 11.55
C VAL A 211 -11.49 -23.44 10.36
N LYS A 212 -10.30 -23.43 9.75
CA LYS A 212 -9.98 -24.30 8.63
C LYS A 212 -8.66 -24.98 8.99
N SER A 213 -8.61 -26.31 8.90
CA SER A 213 -7.38 -27.04 9.23
C SER A 213 -7.11 -28.17 8.27
N PHE A 214 -5.89 -28.69 8.33
CA PHE A 214 -5.52 -29.86 7.56
C PHE A 214 -4.53 -30.62 8.43
N ASN A 215 -4.48 -31.93 8.23
CA ASN A 215 -3.54 -32.76 8.97
C ASN A 215 -2.59 -33.34 7.96
N ARG A 216 -1.29 -33.21 8.26
CA ARG A 216 -0.23 -33.72 7.40
C ARG A 216 -0.52 -35.18 7.08
N ASN A 217 -1.01 -35.91 8.08
CA ASN A 217 -1.39 -37.31 7.94
C ASN A 217 -2.90 -37.43 7.80
N GLU B 1 3.38 25.90 -18.95
CA GLU B 1 2.80 25.06 -17.86
C GLU B 1 3.82 24.90 -16.76
N VAL B 2 3.38 24.94 -15.50
CA VAL B 2 4.28 24.74 -14.38
C VAL B 2 4.68 23.24 -14.43
N LYS B 3 5.98 22.95 -14.39
CA LYS B 3 6.46 21.58 -14.43
C LYS B 3 7.56 21.22 -13.45
N LEU B 4 7.42 20.05 -12.81
CA LEU B 4 8.35 19.47 -11.83
C LEU B 4 8.55 18.02 -12.25
N VAL B 5 9.80 17.65 -12.49
CA VAL B 5 10.11 16.29 -12.92
C VAL B 5 11.17 15.61 -12.07
N GLU B 6 10.77 14.57 -11.34
CA GLU B 6 11.72 13.85 -10.52
C GLU B 6 12.44 12.80 -11.38
N SER B 7 13.68 12.49 -10.99
CA SER B 7 14.45 11.49 -11.70
C SER B 7 15.57 11.02 -10.78
N GLY B 8 16.23 9.94 -11.18
CA GLY B 8 17.32 9.41 -10.38
C GLY B 8 16.99 8.15 -9.61
N GLY B 9 15.73 7.73 -9.68
CA GLY B 9 15.31 6.54 -8.97
C GLY B 9 15.95 5.29 -9.53
N GLY B 10 15.82 4.21 -8.77
CA GLY B 10 16.38 2.94 -9.20
C GLY B 10 16.62 2.08 -7.98
N LEU B 11 17.52 1.13 -8.14
CA LEU B 11 17.84 0.24 -7.05
C LEU B 11 19.04 0.81 -6.32
N GLY B 12 18.89 1.04 -5.02
CA GLY B 12 19.98 1.55 -4.23
C GLY B 12 20.54 0.49 -3.30
N GLN B 13 21.84 0.56 -3.05
CA GLN B 13 22.52 -0.40 -2.16
C GLN B 13 22.43 0.00 -0.69
N PRO B 14 22.03 -0.94 0.20
CA PRO B 14 21.97 -0.58 1.63
C PRO B 14 23.32 -0.02 2.06
N GLY B 15 23.30 1.10 2.77
CA GLY B 15 24.51 1.72 3.23
C GLY B 15 25.09 2.64 2.15
N GLY B 16 24.46 2.68 0.98
CA GLY B 16 24.95 3.54 -0.08
C GLY B 16 24.33 4.93 -0.10
N SER B 17 24.41 5.59 -1.25
CA SER B 17 23.87 6.95 -1.43
C SER B 17 23.07 7.04 -2.71
N LEU B 18 22.24 8.06 -2.79
CA LEU B 18 21.46 8.28 -3.98
C LEU B 18 20.97 9.73 -4.00
N ARG B 19 21.18 10.39 -5.11
CA ARG B 19 20.70 11.75 -5.24
C ARG B 19 19.55 11.80 -6.24
N LEU B 20 18.40 12.29 -5.78
CA LEU B 20 17.24 12.44 -6.63
C LEU B 20 17.23 13.92 -7.05
N SER B 21 16.74 14.18 -8.26
CA SER B 21 16.67 15.52 -8.80
C SER B 21 15.20 15.80 -9.10
N CYS B 22 14.86 17.08 -9.18
CA CYS B 22 13.50 17.54 -9.47
C CYS B 22 13.73 18.78 -10.32
N ALA B 23 13.63 18.57 -11.63
CA ALA B 23 13.81 19.59 -12.63
C ALA B 23 12.53 20.36 -12.82
N THR B 24 12.63 21.69 -12.79
CA THR B 24 11.45 22.53 -12.95
C THR B 24 11.56 23.49 -14.16
N SER B 25 10.39 23.93 -14.60
CA SER B 25 10.24 24.86 -15.70
C SER B 25 8.81 25.41 -15.65
N GLY B 26 8.59 26.54 -16.32
CA GLY B 26 7.26 27.12 -16.37
C GLY B 26 6.89 28.13 -15.31
N PHE B 27 7.84 28.50 -14.46
CA PHE B 27 7.58 29.48 -13.40
C PHE B 27 8.90 29.92 -12.80
N THR B 28 8.86 30.97 -11.98
CA THR B 28 10.07 31.47 -11.33
C THR B 28 10.44 30.61 -10.11
N PHE B 29 11.41 29.74 -10.33
CA PHE B 29 11.94 28.82 -9.33
C PHE B 29 12.24 29.44 -7.96
N THR B 30 13.01 30.54 -7.95
CA THR B 30 13.39 31.16 -6.68
C THR B 30 12.28 31.77 -5.85
N ASP B 31 11.11 31.94 -6.45
CA ASP B 31 9.98 32.46 -5.70
C ASP B 31 9.39 31.38 -4.77
N TYR B 32 9.69 30.11 -5.06
CA TYR B 32 9.09 29.01 -4.32
C TYR B 32 9.86 28.19 -3.30
N TYR B 33 9.13 27.71 -2.31
CA TYR B 33 9.68 26.77 -1.33
C TYR B 33 9.49 25.45 -2.10
N PHE B 34 10.27 24.43 -1.76
CA PHE B 34 10.07 23.13 -2.41
C PHE B 34 10.06 22.04 -1.34
N ASN B 35 9.16 21.07 -1.51
CA ASN B 35 9.00 19.94 -0.59
C ASN B 35 9.33 18.58 -1.23
N TRP B 36 9.81 17.67 -0.41
CA TRP B 36 10.06 16.30 -0.82
C TRP B 36 9.18 15.45 0.10
N ALA B 37 8.51 14.48 -0.48
CA ALA B 37 7.64 13.58 0.24
C ALA B 37 7.86 12.20 -0.37
N ARG B 38 7.55 11.16 0.40
CA ARG B 38 7.68 9.80 -0.10
C ARG B 38 6.56 8.89 0.32
N GLN B 39 6.21 7.96 -0.55
CA GLN B 39 5.19 6.99 -0.23
C GLN B 39 5.67 5.55 -0.47
N PRO B 40 5.95 4.83 0.64
CA PRO B 40 6.41 3.44 0.56
C PRO B 40 5.23 2.64 0.05
N PRO B 41 5.50 1.64 -0.81
CA PRO B 41 4.39 0.83 -1.33
C PRO B 41 3.64 0.21 -0.16
N GLY B 42 2.31 0.37 -0.17
CA GLY B 42 1.50 -0.17 0.92
C GLY B 42 1.56 0.66 2.21
N LYS B 43 2.05 1.89 2.11
CA LYS B 43 2.15 2.77 3.28
C LYS B 43 1.67 4.20 2.99
N ALA B 44 1.61 5.02 4.04
CA ALA B 44 1.14 6.41 3.94
C ALA B 44 2.16 7.35 3.34
N LEU B 45 1.65 8.46 2.82
CA LEU B 45 2.48 9.52 2.25
C LEU B 45 3.20 10.14 3.44
N GLU B 46 4.48 10.43 3.27
CA GLU B 46 5.30 10.99 4.35
C GLU B 46 6.11 12.22 3.93
N TRP B 47 6.01 13.30 4.72
CA TRP B 47 6.76 14.54 4.46
C TRP B 47 8.24 14.37 4.87
N LEU B 48 9.15 14.83 4.03
CA LEU B 48 10.57 14.69 4.35
C LEU B 48 11.28 16.01 4.74
N GLY B 49 10.92 17.08 4.04
CA GLY B 49 11.52 18.36 4.35
C GLY B 49 11.20 19.35 3.26
N PHE B 50 11.54 20.62 3.49
CA PHE B 50 11.40 21.65 2.46
C PHE B 50 12.59 22.59 2.48
N ILE B 51 12.72 23.37 1.42
CA ILE B 51 13.79 24.35 1.32
C ILE B 51 12.99 25.58 1.00
N ARG B 52 13.30 26.68 1.65
CA ARG B 52 12.53 27.90 1.44
C ARG B 52 12.97 28.67 0.21
N ASN B 53 12.30 29.76 -0.08
CA ASN B 53 12.61 30.58 -1.26
C ASN B 53 13.80 31.52 -1.07
N LYS B 54 14.02 32.37 -2.06
CA LYS B 54 15.11 33.34 -2.02
C LYS B 54 14.93 34.32 -0.87
N ALA B 55 13.71 34.81 -0.71
CA ALA B 55 13.40 35.76 0.35
C ALA B 55 13.71 35.22 1.73
N LYS B 56 13.60 33.91 1.89
CA LYS B 56 13.87 33.26 3.16
C LYS B 56 15.28 32.68 3.23
N GLY B 57 16.07 32.99 2.23
CA GLY B 57 17.45 32.54 2.23
C GLY B 57 17.67 31.08 1.93
N TYR B 58 16.68 30.44 1.33
CA TYR B 58 16.79 29.04 0.96
C TYR B 58 17.13 28.11 2.12
N THR B 59 16.76 28.46 3.35
CA THR B 59 17.03 27.58 4.50
C THR B 59 16.20 26.26 4.43
N THR B 60 16.53 25.28 5.28
CA THR B 60 15.84 23.98 5.23
C THR B 60 15.24 23.45 6.53
N GLU B 61 14.25 22.58 6.39
CA GLU B 61 13.60 21.93 7.51
C GLU B 61 13.45 20.48 7.05
N TYR B 62 13.60 19.55 7.99
CA TYR B 62 13.54 18.10 7.75
C TYR B 62 12.65 17.39 8.78
N SER B 63 12.18 16.21 8.40
CA SER B 63 11.38 15.38 9.30
C SER B 63 12.40 14.75 10.26
N ALA B 64 11.93 14.30 11.42
CA ALA B 64 12.77 13.67 12.42
C ALA B 64 13.27 12.36 11.84
N SER B 65 12.46 11.77 10.97
CA SER B 65 12.81 10.51 10.34
C SER B 65 14.05 10.53 9.45
N VAL B 66 14.38 11.70 8.90
CA VAL B 66 15.54 11.78 8.03
C VAL B 66 16.55 12.87 8.33
N LYS B 67 16.21 13.78 9.25
CA LYS B 67 17.12 14.87 9.59
C LYS B 67 18.53 14.34 9.87
N GLY B 68 19.53 14.99 9.30
CA GLY B 68 20.89 14.54 9.49
C GLY B 68 21.35 13.43 8.57
N ARG B 69 20.42 12.84 7.83
CA ARG B 69 20.76 11.74 6.92
C ARG B 69 20.43 12.07 5.47
N PHE B 70 19.47 12.96 5.24
CA PHE B 70 19.12 13.41 3.88
C PHE B 70 19.45 14.88 3.78
N THR B 71 19.71 15.36 2.57
CA THR B 71 20.01 16.76 2.37
C THR B 71 19.21 17.30 1.19
N ILE B 72 18.57 18.43 1.40
CA ILE B 72 17.80 19.06 0.34
C ILE B 72 18.58 20.28 -0.09
N SER B 73 18.75 20.42 -1.41
CA SER B 73 19.45 21.54 -1.99
C SER B 73 18.79 21.96 -3.32
N ARG B 74 19.18 23.13 -3.82
CA ARG B 74 18.60 23.66 -5.05
C ARG B 74 19.65 24.45 -5.80
N ASP B 75 19.62 24.30 -7.11
CA ASP B 75 20.49 24.99 -8.05
C ASP B 75 19.57 26.05 -8.66
N ASN B 76 19.75 27.28 -8.20
CA ASN B 76 18.93 28.39 -8.62
C ASN B 76 19.15 28.86 -10.04
N SER B 77 20.30 28.52 -10.61
CA SER B 77 20.59 28.88 -11.98
C SER B 77 19.94 27.87 -12.91
N GLN B 78 19.86 26.62 -12.47
CA GLN B 78 19.26 25.62 -13.31
C GLN B 78 17.79 25.34 -12.99
N GLY B 79 17.33 25.78 -11.83
CA GLY B 79 15.94 25.53 -11.47
C GLY B 79 15.70 24.06 -11.15
N ILE B 80 16.72 23.44 -10.57
CA ILE B 80 16.67 22.05 -10.18
C ILE B 80 16.82 21.90 -8.67
N LEU B 81 15.99 21.01 -8.12
CA LEU B 81 15.92 20.70 -6.68
C LEU B 81 16.51 19.29 -6.49
N TYR B 82 17.27 19.09 -5.42
CA TYR B 82 17.87 17.79 -5.14
C TYR B 82 17.53 17.25 -3.76
N LEU B 83 17.60 15.92 -3.66
CA LEU B 83 17.39 15.20 -2.40
C LEU B 83 18.55 14.22 -2.34
N GLN B 84 19.52 14.53 -1.49
CA GLN B 84 20.68 13.69 -1.27
C GLN B 84 20.30 12.73 -0.14
N MET B 85 20.23 11.45 -0.45
CA MET B 85 19.91 10.41 0.53
C MET B 85 21.20 9.63 0.86
N ASN B 86 21.64 9.73 2.10
CA ASN B 86 22.87 9.04 2.49
C ASN B 86 22.59 7.81 3.34
N THR B 87 23.52 6.85 3.34
CA THR B 87 23.38 5.60 4.09
C THR B 87 21.97 5.00 3.97
N LEU B 88 21.62 4.64 2.72
CA LEU B 88 20.33 4.07 2.38
C LEU B 88 19.93 2.88 3.23
N ARG B 89 18.66 2.85 3.61
CA ARG B 89 18.06 1.81 4.43
C ARG B 89 16.90 1.23 3.62
N ALA B 90 16.43 0.06 4.03
CA ALA B 90 15.31 -0.56 3.35
C ALA B 90 14.05 0.31 3.45
N GLU B 91 13.93 1.04 4.57
CA GLU B 91 12.77 1.92 4.81
C GLU B 91 12.73 3.08 3.82
N ASP B 92 13.80 3.24 3.06
CA ASP B 92 13.84 4.30 2.07
C ASP B 92 13.20 3.84 0.75
N SER B 93 12.84 2.56 0.66
CA SER B 93 12.21 2.08 -0.57
C SER B 93 10.86 2.77 -0.64
N ALA B 94 10.68 3.62 -1.65
CA ALA B 94 9.44 4.38 -1.81
C ALA B 94 9.44 5.18 -3.11
N THR B 95 8.29 5.79 -3.39
CA THR B 95 8.17 6.66 -4.55
C THR B 95 8.35 8.04 -3.95
N TYR B 96 9.28 8.80 -4.50
CA TYR B 96 9.58 10.12 -3.99
C TYR B 96 8.94 11.21 -4.86
N TYR B 97 8.39 12.23 -4.22
CA TYR B 97 7.73 13.32 -4.93
C TYR B 97 8.27 14.68 -4.51
N CYS B 98 8.36 15.59 -5.47
CA CYS B 98 8.79 16.94 -5.16
C CYS B 98 7.56 17.79 -5.42
N ALA B 99 7.44 18.93 -4.75
CA ALA B 99 6.30 19.83 -4.93
C ALA B 99 6.70 21.23 -4.47
N ARG B 100 6.32 22.25 -5.24
CA ARG B 100 6.59 23.64 -4.87
C ARG B 100 5.53 24.02 -3.85
N TRP B 101 5.79 25.08 -3.12
CA TRP B 101 4.85 25.58 -2.13
C TRP B 101 4.90 27.11 -2.16
N GLY B 102 3.72 27.73 -2.14
CA GLY B 102 3.66 29.18 -2.14
C GLY B 102 2.33 29.61 -1.59
N SER B 103 1.78 30.70 -2.12
CA SER B 103 0.48 31.24 -1.71
C SER B 103 -0.59 30.16 -1.94
N TYR B 104 -0.44 29.41 -3.03
CA TYR B 104 -1.38 28.34 -3.34
C TYR B 104 -0.93 26.96 -2.80
N ALA B 105 -0.10 26.96 -1.75
CA ALA B 105 0.40 25.74 -1.13
C ALA B 105 1.06 24.78 -2.18
N MET B 106 1.04 23.47 -1.96
CA MET B 106 1.62 22.55 -2.94
C MET B 106 0.65 22.33 -4.09
N ASP B 107 0.58 23.33 -4.95
CA ASP B 107 -0.33 23.30 -6.09
C ASP B 107 0.15 22.47 -7.27
N TYR B 108 1.46 22.30 -7.38
CA TYR B 108 2.05 21.48 -8.44
C TYR B 108 3.04 20.45 -7.91
N TRP B 109 2.78 19.19 -8.26
CA TRP B 109 3.62 18.07 -7.85
C TRP B 109 4.21 17.37 -9.05
N GLY B 110 5.36 16.72 -8.83
CA GLY B 110 5.99 15.95 -9.89
C GLY B 110 5.27 14.60 -9.96
N GLN B 111 5.66 13.77 -10.91
CA GLN B 111 5.04 12.47 -11.08
C GLN B 111 5.68 11.42 -10.16
N GLY B 112 6.77 11.79 -9.51
CA GLY B 112 7.46 10.88 -8.61
C GLY B 112 8.54 10.03 -9.28
N THR B 113 9.47 9.52 -8.47
CA THR B 113 10.53 8.64 -8.92
C THR B 113 10.69 7.54 -7.85
N SER B 114 10.68 6.29 -8.29
CA SER B 114 10.77 5.15 -7.41
C SER B 114 12.18 4.65 -7.10
N VAL B 115 12.40 4.37 -5.81
CA VAL B 115 13.65 3.90 -5.25
C VAL B 115 13.41 2.60 -4.51
N THR B 116 14.32 1.64 -4.68
CA THR B 116 14.24 0.37 -3.96
C THR B 116 15.62 0.05 -3.43
N VAL B 117 15.77 0.08 -2.11
CA VAL B 117 17.03 -0.19 -1.45
C VAL B 117 17.13 -1.66 -1.13
N SER B 118 18.00 -2.37 -1.85
CA SER B 118 18.21 -3.80 -1.64
C SER B 118 19.56 -4.24 -2.14
N SER B 119 20.07 -5.32 -1.53
CA SER B 119 21.36 -5.93 -1.91
C SER B 119 21.10 -7.22 -2.72
N ALA B 120 19.82 -7.54 -2.89
CA ALA B 120 19.42 -8.74 -3.59
C ALA B 120 19.84 -8.62 -5.03
N LYS B 121 19.77 -9.75 -5.72
CA LYS B 121 20.11 -9.86 -7.12
C LYS B 121 18.90 -10.52 -7.75
N THR B 122 18.75 -10.32 -9.06
CA THR B 122 17.66 -10.89 -9.83
C THR B 122 17.55 -12.37 -9.47
N THR B 123 16.33 -12.85 -9.27
CA THR B 123 16.09 -14.23 -8.85
C THR B 123 14.69 -14.65 -9.28
N PRO B 124 14.60 -15.74 -10.08
CA PRO B 124 13.28 -16.18 -10.51
C PRO B 124 12.54 -16.71 -9.30
N PRO B 125 11.20 -16.69 -9.36
CA PRO B 125 10.44 -17.19 -8.22
C PRO B 125 10.14 -18.68 -8.42
N SER B 126 9.86 -19.35 -7.32
CA SER B 126 9.46 -20.75 -7.35
C SER B 126 7.95 -20.69 -7.35
N VAL B 127 7.31 -21.38 -8.26
CA VAL B 127 5.86 -21.34 -8.35
C VAL B 127 5.26 -22.62 -7.81
N TYR B 128 4.46 -22.50 -6.75
CA TYR B 128 3.85 -23.66 -6.11
C TYR B 128 2.33 -23.73 -6.21
N PRO B 129 1.80 -24.90 -6.57
CA PRO B 129 0.36 -25.14 -6.70
C PRO B 129 -0.27 -25.19 -5.33
N LEU B 130 -1.45 -24.58 -5.21
CA LEU B 130 -2.18 -24.57 -3.96
C LEU B 130 -3.48 -25.31 -4.22
N ALA B 131 -3.53 -26.55 -3.75
CA ALA B 131 -4.71 -27.41 -3.91
C ALA B 131 -5.26 -27.82 -2.55
N PRO B 132 -6.59 -27.92 -2.44
CA PRO B 132 -7.24 -28.31 -1.18
C PRO B 132 -6.82 -29.73 -0.76
N GLY B 133 -6.78 -29.96 0.56
CA GLY B 133 -6.40 -31.25 1.11
C GLY B 133 -7.27 -32.41 0.67
N SER B 134 -6.72 -33.61 0.74
CA SER B 134 -7.44 -34.84 0.36
C SER B 134 -8.71 -34.93 1.18
N ALA B 135 -8.57 -34.64 2.47
CA ALA B 135 -9.69 -34.65 3.39
C ALA B 135 -10.06 -33.20 3.51
N ALA B 136 -11.18 -32.84 2.90
CA ALA B 136 -11.73 -31.48 2.91
C ALA B 136 -13.10 -31.62 2.28
N GLN B 137 -14.12 -31.26 3.04
CA GLN B 137 -15.50 -31.37 2.55
C GLN B 137 -15.75 -30.71 1.20
N THR B 138 -16.63 -31.33 0.43
CA THR B 138 -16.99 -30.84 -0.89
C THR B 138 -17.64 -29.46 -0.73
N ASN B 139 -17.84 -28.77 -1.84
CA ASN B 139 -18.39 -27.42 -1.83
C ASN B 139 -18.99 -27.13 -3.21
N SER B 140 -19.76 -26.04 -3.31
CA SER B 140 -20.36 -25.61 -4.57
C SER B 140 -19.28 -24.99 -5.46
N MET B 141 -18.41 -24.25 -4.81
CA MET B 141 -17.31 -23.60 -5.48
C MET B 141 -16.05 -24.17 -4.83
N VAL B 142 -14.93 -24.11 -5.55
CA VAL B 142 -13.65 -24.58 -5.02
C VAL B 142 -12.64 -23.48 -5.29
N THR B 143 -11.80 -23.23 -4.30
CA THR B 143 -10.76 -22.21 -4.40
C THR B 143 -9.41 -22.89 -4.50
N LEU B 144 -8.61 -22.46 -5.47
CA LEU B 144 -7.27 -22.98 -5.69
C LEU B 144 -6.37 -21.74 -5.78
N GLY B 145 -5.06 -21.94 -5.88
CA GLY B 145 -4.16 -20.81 -6.00
C GLY B 145 -2.74 -21.21 -6.33
N CYS B 146 -1.86 -20.22 -6.35
CA CYS B 146 -0.45 -20.43 -6.59
C CYS B 146 0.34 -19.51 -5.67
N LEU B 147 1.39 -20.04 -5.08
CA LEU B 147 2.28 -19.29 -4.23
C LEU B 147 3.52 -19.02 -5.10
N VAL B 148 3.82 -17.74 -5.31
CA VAL B 148 4.97 -17.31 -6.12
C VAL B 148 5.99 -16.79 -5.11
N LYS B 149 6.96 -17.65 -4.83
CA LYS B 149 7.92 -17.37 -3.79
C LYS B 149 9.37 -17.05 -4.14
N GLY B 150 9.93 -16.12 -3.36
CA GLY B 150 11.33 -15.72 -3.46
C GLY B 150 11.93 -15.13 -4.72
N TYR B 151 11.26 -14.15 -5.32
CA TYR B 151 11.77 -13.50 -6.52
C TYR B 151 12.28 -12.09 -6.24
N PHE B 152 12.98 -11.54 -7.24
CA PHE B 152 13.53 -10.18 -7.21
C PHE B 152 14.03 -9.82 -8.61
N PRO B 153 13.78 -8.58 -9.07
CA PRO B 153 13.05 -7.50 -8.39
C PRO B 153 11.59 -7.66 -8.73
N GLU B 154 10.78 -6.66 -8.38
CA GLU B 154 9.37 -6.68 -8.75
C GLU B 154 9.28 -6.22 -10.23
N PRO B 155 8.20 -6.62 -10.91
CA PRO B 155 7.17 -7.46 -10.32
C PRO B 155 7.09 -8.82 -11.01
N VAL B 156 5.97 -9.49 -10.77
CA VAL B 156 5.65 -10.76 -11.41
C VAL B 156 4.20 -10.56 -11.87
N THR B 157 3.80 -11.30 -12.88
CA THR B 157 2.46 -11.22 -13.40
C THR B 157 1.86 -12.62 -13.23
N VAL B 158 0.58 -12.67 -12.88
CA VAL B 158 -0.12 -13.93 -12.70
C VAL B 158 -1.44 -13.91 -13.45
N THR B 159 -1.65 -14.92 -14.29
CA THR B 159 -2.94 -15.04 -14.95
C THR B 159 -3.35 -16.48 -14.70
N TRP B 160 -4.59 -16.82 -15.05
CA TRP B 160 -5.13 -18.17 -14.84
C TRP B 160 -5.74 -18.61 -16.17
N ASN B 161 -5.32 -19.76 -16.67
CA ASN B 161 -5.81 -20.27 -17.95
C ASN B 161 -5.63 -19.20 -19.03
N SER B 162 -4.49 -18.54 -19.01
CA SER B 162 -4.16 -17.51 -19.96
C SER B 162 -5.15 -16.36 -19.95
N GLY B 163 -5.57 -15.96 -18.75
CA GLY B 163 -6.50 -14.87 -18.62
C GLY B 163 -7.93 -15.30 -18.88
N SER B 164 -8.11 -16.57 -19.23
CA SER B 164 -9.45 -17.11 -19.50
C SER B 164 -10.26 -17.03 -18.21
N LEU B 165 -9.58 -17.20 -17.08
CA LEU B 165 -10.22 -17.08 -15.79
C LEU B 165 -9.79 -15.72 -15.27
N SER B 166 -10.72 -14.78 -15.35
CA SER B 166 -10.49 -13.41 -14.89
C SER B 166 -11.34 -13.12 -13.64
N SER B 167 -12.62 -13.51 -13.68
CA SER B 167 -13.52 -13.30 -12.54
C SER B 167 -13.18 -14.25 -11.39
N GLY B 168 -13.41 -13.80 -10.16
CA GLY B 168 -13.14 -14.63 -9.01
C GLY B 168 -11.68 -14.83 -8.72
N VAL B 169 -10.84 -13.95 -9.24
CA VAL B 169 -9.40 -14.03 -9.04
C VAL B 169 -8.89 -12.96 -8.06
N HIS B 170 -7.98 -13.35 -7.17
CA HIS B 170 -7.39 -12.42 -6.23
C HIS B 170 -5.90 -12.58 -6.21
N THR B 171 -5.19 -11.62 -6.75
CA THR B 171 -3.74 -11.68 -6.70
C THR B 171 -3.35 -10.68 -5.64
N PHE B 172 -2.72 -11.20 -4.58
CA PHE B 172 -2.33 -10.35 -3.48
C PHE B 172 -1.01 -9.60 -3.64
N PRO B 173 -0.94 -8.40 -3.04
CA PRO B 173 0.25 -7.54 -3.05
C PRO B 173 1.42 -8.37 -2.54
N ALA B 174 2.61 -8.13 -3.08
CA ALA B 174 3.80 -8.88 -2.67
C ALA B 174 4.30 -8.44 -1.30
N VAL B 175 5.00 -9.31 -0.64
CA VAL B 175 5.57 -8.97 0.66
C VAL B 175 7.05 -9.36 0.61
N LEU B 176 7.86 -8.71 1.44
CA LEU B 176 9.28 -9.04 1.50
C LEU B 176 9.45 -10.24 2.46
N GLN B 177 10.25 -11.21 2.06
CA GLN B 177 10.48 -12.41 2.86
C GLN B 177 11.86 -12.95 2.51
N SER B 178 12.74 -13.04 3.51
CA SER B 178 14.09 -13.57 3.27
C SER B 178 14.78 -12.70 2.23
N ASP B 179 14.54 -11.39 2.28
CA ASP B 179 15.13 -10.44 1.34
C ASP B 179 14.64 -10.57 -0.11
N LEU B 180 13.53 -11.27 -0.31
CA LEU B 180 12.98 -11.46 -1.64
C LEU B 180 11.49 -11.24 -1.53
N TYR B 181 10.80 -11.16 -2.67
CA TYR B 181 9.36 -10.98 -2.62
C TYR B 181 8.60 -12.30 -2.76
N THR B 182 7.39 -12.30 -2.22
CA THR B 182 6.52 -13.45 -2.27
C THR B 182 5.12 -12.93 -2.51
N LEU B 183 4.38 -13.63 -3.35
CA LEU B 183 3.02 -13.26 -3.64
C LEU B 183 2.19 -14.54 -3.80
N SER B 184 0.88 -14.44 -3.64
CA SER B 184 0.01 -15.58 -3.88
C SER B 184 -1.17 -15.07 -4.69
N SER B 185 -1.89 -15.98 -5.30
CA SER B 185 -3.07 -15.66 -6.10
C SER B 185 -4.11 -16.77 -5.91
N SER B 186 -5.38 -16.39 -5.83
CA SER B 186 -6.47 -17.34 -5.68
C SER B 186 -7.44 -17.26 -6.85
N VAL B 187 -8.02 -18.39 -7.18
CA VAL B 187 -9.00 -18.47 -8.23
C VAL B 187 -10.13 -19.35 -7.69
N THR B 188 -11.36 -18.98 -7.99
CA THR B 188 -12.50 -19.75 -7.53
C THR B 188 -13.36 -20.17 -8.71
N VAL B 189 -13.60 -21.47 -8.81
CA VAL B 189 -14.38 -22.01 -9.90
C VAL B 189 -15.48 -22.92 -9.34
N PRO B 190 -16.54 -23.19 -10.12
CA PRO B 190 -17.59 -24.08 -9.58
C PRO B 190 -16.93 -25.45 -9.39
N SER B 191 -17.35 -26.19 -8.36
CA SER B 191 -16.77 -27.50 -8.08
C SER B 191 -16.93 -28.53 -9.19
N SER B 192 -17.98 -28.42 -10.00
CA SER B 192 -18.15 -29.37 -11.07
C SER B 192 -17.12 -29.22 -12.21
N PRO B 193 -16.59 -27.99 -12.43
CA PRO B 193 -15.59 -27.79 -13.48
C PRO B 193 -14.15 -28.21 -13.19
N ARG B 194 -13.87 -28.64 -11.97
CA ARG B 194 -12.51 -29.05 -11.72
C ARG B 194 -12.45 -30.21 -10.73
N PRO B 195 -11.50 -31.14 -10.92
CA PRO B 195 -10.44 -31.25 -11.93
C PRO B 195 -10.79 -31.61 -13.38
N SER B 196 -12.07 -31.74 -13.71
CA SER B 196 -12.42 -32.10 -15.08
C SER B 196 -11.86 -31.09 -16.07
N GLU B 197 -11.76 -29.83 -15.64
CA GLU B 197 -11.18 -28.82 -16.47
C GLU B 197 -9.95 -28.26 -15.77
N THR B 198 -8.84 -28.37 -16.47
CA THR B 198 -7.55 -27.93 -15.99
C THR B 198 -7.53 -26.47 -15.58
N VAL B 199 -6.88 -26.20 -14.46
CA VAL B 199 -6.69 -24.83 -13.97
C VAL B 199 -5.18 -24.66 -13.81
N THR B 200 -4.65 -23.69 -14.53
CA THR B 200 -3.23 -23.43 -14.54
C THR B 200 -2.97 -21.96 -14.29
N CYS B 201 -2.01 -21.67 -13.41
CA CYS B 201 -1.64 -20.29 -13.19
C CYS B 201 -0.40 -20.06 -14.06
N ASN B 202 -0.42 -18.96 -14.78
CA ASN B 202 0.65 -18.55 -15.67
C ASN B 202 1.37 -17.38 -14.99
N VAL B 203 2.54 -17.66 -14.43
CA VAL B 203 3.33 -16.65 -13.73
C VAL B 203 4.56 -16.21 -14.53
N ALA B 204 4.65 -14.91 -14.81
CA ALA B 204 5.78 -14.35 -15.54
C ALA B 204 6.58 -13.41 -14.68
N HIS B 205 7.89 -13.59 -14.69
CA HIS B 205 8.84 -12.74 -13.98
C HIS B 205 9.82 -12.28 -15.09
N PRO B 206 9.50 -11.22 -15.83
CA PRO B 206 10.33 -10.71 -16.93
C PRO B 206 11.80 -10.39 -16.64
N ALA B 207 12.10 -9.88 -15.46
CA ALA B 207 13.48 -9.56 -15.13
C ALA B 207 14.36 -10.79 -15.17
N SER B 208 13.83 -11.95 -14.78
CA SER B 208 14.65 -13.16 -14.81
C SER B 208 14.32 -13.98 -16.07
N SER B 209 13.47 -13.42 -16.92
CA SER B 209 13.06 -14.06 -18.16
C SER B 209 12.34 -15.38 -17.90
N THR B 210 11.47 -15.41 -16.91
CA THR B 210 10.78 -16.64 -16.63
C THR B 210 9.29 -16.55 -16.80
N LYS B 211 8.72 -17.66 -17.27
CA LYS B 211 7.29 -17.81 -17.46
C LYS B 211 7.06 -19.26 -17.03
N VAL B 212 6.21 -19.42 -16.03
CA VAL B 212 5.89 -20.74 -15.51
C VAL B 212 4.40 -20.97 -15.56
N ASP B 213 3.99 -22.10 -16.12
CA ASP B 213 2.59 -22.49 -16.18
C ASP B 213 2.50 -23.66 -15.18
N LYS B 214 1.86 -23.41 -14.05
CA LYS B 214 1.72 -24.44 -13.03
C LYS B 214 0.28 -24.95 -12.99
N LYS B 215 0.11 -26.24 -13.31
CA LYS B 215 -1.23 -26.83 -13.28
C LYS B 215 -1.57 -27.23 -11.85
N ILE B 216 -2.83 -26.96 -11.48
CA ILE B 216 -3.31 -27.29 -10.14
C ILE B 216 -3.89 -28.70 -10.20
N VAL B 217 -3.11 -29.67 -9.75
CA VAL B 217 -3.54 -31.07 -9.78
C VAL B 217 -4.11 -31.45 -8.42
N PRO B 218 -5.19 -32.25 -8.40
CA PRO B 218 -5.76 -32.65 -7.10
C PRO B 218 -4.76 -33.58 -6.39
C1 AAH C . 6.10 26.20 4.14
C2 AAH C . 5.76 27.33 4.89
C3 AAH C . 4.65 27.28 5.77
C4 AAH C . 3.84 26.16 5.78
C5 AAH C . 4.11 25.07 4.92
C6 AAH C . 5.23 25.10 4.11
N7 AAH C . 5.52 23.96 3.18
O8 AAH C . 6.43 24.02 2.43
O9 AAH C . 5.00 22.90 3.34
C10 AAH C . 4.39 28.46 6.71
N11 AAH C . 5.54 29.37 6.91
C12 AAH C . 6.68 28.76 7.68
P13 AAH C . 8.35 29.56 7.62
O14 AAH C . 9.03 29.42 6.20
O15 AAH C . 8.33 31.14 7.96
O16 AAH C . 9.15 28.88 8.61
C17 AAH C . 5.22 30.82 7.31
C18 AAH C . 4.65 31.65 6.14
C19 AAH C . 5.40 31.31 4.83
C20 AAH C . 5.07 32.37 3.78
C21 AAH C . 5.81 33.66 4.09
O22 AAH C . 7.14 33.64 4.45
O23 AAH C . 5.20 34.73 4.03
H1 AAH C . 7.04 26.17 3.62
H2 AAH C . 6.34 28.22 4.78
H4 AAH C . 2.97 26.13 6.44
H5 AAH C . 3.43 24.23 4.91
H101 AAH C . 4.04 28.04 7.61
H102 AAH C . 3.47 28.90 6.35
H121 AAH C . 6.80 27.77 7.38
H122 AAH C . 6.44 28.70 8.71
H171 AAH C . 6.01 31.39 7.76
H172 AAH C . 4.49 30.89 8.12
H181 AAH C . 4.77 32.67 6.39
H182 AAH C . 3.59 31.43 6.04
H191 AAH C . 5.09 30.32 4.47
H192 AAH C . 6.47 31.28 5.02
H201 AAH C . 4.00 32.57 3.78
H202 AAH C . 5.35 32.02 2.79
HO2 AAH C . 7.82 33.67 3.75
HN1 AAH C . 6.06 29.42 5.95
#